data_9AVN
#
_entry.id   9AVN
#
_cell.length_a   56.390
_cell.length_b   56.050
_cell.length_c   84.300
_cell.angle_alpha   90.00
_cell.angle_beta   97.75
_cell.angle_gamma   90.00
#
_symmetry.space_group_name_H-M   'P 1 21 1'
#
loop_
_entity.id
_entity.type
_entity.pdbx_description
1 polymer 'Caspase recruitment domain-containing protein 9'
2 non-polymer '(2P)-2-(1-benzyl-3-phenyl-1H-pyrazol-4-yl)-5-chloro-1-[(1R)-1-cyclohexyl-2-(methylamino)-2-oxoethyl]-1H-1,3-benzimidazole-6-carboxylic acid'
3 water water
#
_entity_poly.entity_id   1
_entity_poly.type   'polypeptide(L)'
_entity_poly.pdbx_seq_one_letter_code
;AKHQERVQRLKEECEAGSRELKRCKEENYDLAMRLAHQSEEKGAALMRNRDLQLEIDQLK
;
_entity_poly.pdbx_strand_id   A,B,C,D,E,F,G,H
#
loop_
_chem_comp.id
_chem_comp.type
_chem_comp.name
_chem_comp.formula
A1AG7 non-polymer '(2P)-2-(1-benzyl-3-phenyl-1H-pyrazol-4-yl)-5-chloro-1-[(1R)-1-cyclohexyl-2-(methylamino)-2-oxoethyl]-1H-1,3-benzimidazole-6-carboxylic acid' 'C33 H32 Cl N5 O3'
#
# COMPACT_ATOMS: atom_id res chain seq x y z
N GLN A 4 30.19 31.25 -8.64
CA GLN A 4 30.20 32.01 -7.38
C GLN A 4 29.35 31.27 -6.30
N GLU A 5 28.14 31.77 -5.97
CA GLU A 5 27.23 31.15 -5.00
C GLU A 5 26.46 29.97 -5.59
N ARG A 6 26.26 29.95 -6.92
CA ARG A 6 25.54 28.89 -7.61
C ARG A 6 26.19 27.50 -7.44
N VAL A 7 27.49 27.44 -7.10
CA VAL A 7 28.15 26.17 -6.83
C VAL A 7 27.63 25.67 -5.47
N GLN A 8 27.57 26.57 -4.47
CA GLN A 8 27.06 26.28 -3.13
C GLN A 8 25.61 25.74 -3.12
N ARG A 9 24.62 26.45 -3.74
CA ARG A 9 23.24 25.93 -3.75
C ARG A 9 23.16 24.61 -4.47
N LEU A 10 23.86 24.48 -5.60
CA LEU A 10 23.87 23.23 -6.33
C LEU A 10 24.43 22.06 -5.53
N LYS A 11 25.51 22.26 -4.79
CA LYS A 11 26.08 21.19 -3.97
C LYS A 11 25.16 20.84 -2.84
N GLU A 12 24.49 21.82 -2.23
CA GLU A 12 23.52 21.61 -1.15
C GLU A 12 22.29 20.84 -1.64
N GLU A 13 21.86 21.09 -2.89
CA GLU A 13 20.72 20.47 -3.56
C GLU A 13 21.06 19.02 -3.89
N CYS A 14 22.30 18.76 -4.36
CA CYS A 14 22.80 17.43 -4.70
C CYS A 14 22.91 16.59 -3.42
N GLU A 15 23.34 17.20 -2.30
CA GLU A 15 23.43 16.50 -1.03
C GLU A 15 22.05 16.11 -0.54
N ALA A 16 21.06 17.01 -0.65
CA ALA A 16 19.70 16.74 -0.18
C ALA A 16 19.03 15.68 -1.03
N GLY A 17 19.23 15.76 -2.34
CA GLY A 17 18.65 14.79 -3.24
C GLY A 17 19.28 13.44 -3.04
N SER A 18 20.62 13.39 -2.91
CA SER A 18 21.33 12.12 -2.71
C SER A 18 20.89 11.42 -1.45
N ARG A 19 20.62 12.18 -0.39
CA ARG A 19 20.17 11.69 0.90
C ARG A 19 18.77 11.06 0.73
N GLU A 20 17.90 11.76 0.00
CA GLU A 20 16.57 11.30 -0.29
C GLU A 20 16.56 10.08 -1.19
N LEU A 21 17.50 9.99 -2.11
CA LEU A 21 17.63 8.84 -2.99
C LEU A 21 18.10 7.61 -2.21
N LYS A 22 19.03 7.78 -1.26
CA LYS A 22 19.47 6.68 -0.40
C LYS A 22 18.31 6.09 0.44
N ARG A 23 17.51 6.91 1.11
CA ARG A 23 16.39 6.39 1.87
C ARG A 23 15.31 5.80 0.94
N CYS A 24 15.14 6.38 -0.26
CA CYS A 24 14.17 5.84 -1.22
C CYS A 24 14.54 4.44 -1.64
N LYS A 25 15.83 4.18 -1.87
CA LYS A 25 16.29 2.84 -2.24
C LYS A 25 16.16 1.85 -1.07
N GLU A 26 16.36 2.32 0.17
CA GLU A 26 16.16 1.48 1.35
C GLU A 26 14.69 1.10 1.46
N GLU A 27 13.75 2.04 1.22
CA GLU A 27 12.33 1.76 1.25
C GLU A 27 11.99 0.73 0.18
N ASN A 28 12.55 0.89 -1.03
CA ASN A 28 12.33 -0.01 -2.15
C ASN A 28 12.73 -1.43 -1.80
N TYR A 29 13.91 -1.60 -1.16
CA TYR A 29 14.36 -2.93 -0.75
C TYR A 29 13.39 -3.54 0.27
N ASP A 30 12.94 -2.76 1.25
CA ASP A 30 11.99 -3.21 2.27
C ASP A 30 10.66 -3.58 1.66
N LEU A 31 10.16 -2.80 0.70
CA LEU A 31 8.89 -3.10 0.01
C LEU A 31 9.00 -4.39 -0.78
N ALA A 32 10.17 -4.64 -1.40
CA ALA A 32 10.37 -5.86 -2.17
C ALA A 32 10.38 -7.08 -1.25
N MET A 33 10.99 -6.94 -0.07
CA MET A 33 11.03 -8.02 0.90
C MET A 33 9.66 -8.32 1.47
N ARG A 34 8.86 -7.25 1.73
CA ARG A 34 7.50 -7.40 2.23
C ARG A 34 6.61 -8.05 1.17
N LEU A 35 6.80 -7.71 -0.12
CA LEU A 35 6.06 -8.30 -1.22
C LEU A 35 6.38 -9.80 -1.35
N ALA A 36 7.66 -10.20 -1.14
CA ALA A 36 8.06 -11.61 -1.16
C ALA A 36 7.43 -12.37 0.02
N HIS A 37 7.35 -11.75 1.19
CA HIS A 37 6.75 -12.38 2.35
C HIS A 37 5.24 -12.59 2.14
N GLN A 38 4.54 -11.60 1.56
CA GLN A 38 3.11 -11.76 1.32
C GLN A 38 2.83 -12.81 0.24
N SER A 39 3.71 -12.95 -0.74
CA SER A 39 3.57 -13.98 -1.76
C SER A 39 3.74 -15.39 -1.16
N GLU A 40 4.64 -15.54 -0.19
CA GLU A 40 4.82 -16.82 0.51
C GLU A 40 3.58 -17.15 1.38
N GLU A 41 3.06 -16.16 2.09
CA GLU A 41 1.89 -16.32 2.94
C GLU A 41 0.64 -16.62 2.12
N LYS A 42 0.54 -16.01 0.93
CA LYS A 42 -0.59 -16.26 0.02
C LYS A 42 -0.48 -17.67 -0.54
N GLY A 43 0.71 -18.06 -1.00
CA GLY A 43 0.98 -19.39 -1.53
C GLY A 43 0.65 -20.48 -0.54
N ALA A 44 0.98 -20.26 0.75
CA ALA A 44 0.73 -21.21 1.83
C ALA A 44 -0.78 -21.35 2.12
N ALA A 45 -1.51 -20.23 2.15
CA ALA A 45 -2.94 -20.21 2.39
C ALA A 45 -3.68 -20.90 1.27
N LEU A 46 -3.26 -20.72 0.01
CA LEU A 46 -3.92 -21.37 -1.11
C LEU A 46 -3.75 -22.88 -1.10
N MET A 47 -2.55 -23.34 -0.71
CA MET A 47 -2.28 -24.77 -0.69
C MET A 47 -2.96 -25.45 0.50
N ARG A 48 -3.13 -24.74 1.63
CA ARG A 48 -3.90 -25.19 2.79
C ARG A 48 -5.40 -25.38 2.36
N ASN A 49 -5.86 -24.65 1.33
CA ASN A 49 -7.21 -24.72 0.77
C ASN A 49 -7.32 -25.78 -0.30
N ARG A 50 -6.22 -26.13 -0.98
CA ARG A 50 -6.16 -27.23 -1.93
C ARG A 50 -6.29 -28.53 -1.11
N ASP A 51 -5.58 -28.61 0.04
CA ASP A 51 -5.64 -29.75 0.94
C ASP A 51 -7.05 -29.88 1.50
N LEU A 52 -7.60 -28.78 2.00
CA LEU A 52 -8.95 -28.79 2.56
C LEU A 52 -9.98 -29.20 1.56
N GLN A 53 -9.88 -28.67 0.34
CA GLN A 53 -10.83 -29.02 -0.71
C GLN A 53 -10.79 -30.50 -1.09
N LEU A 54 -9.59 -31.06 -1.34
CA LEU A 54 -9.41 -32.45 -1.71
C LEU A 54 -10.00 -33.39 -0.67
N GLU A 55 -9.82 -33.07 0.62
CA GLU A 55 -10.32 -33.85 1.74
C GLU A 55 -11.86 -33.81 1.78
N ILE A 56 -12.46 -32.66 1.42
CA ILE A 56 -13.91 -32.48 1.37
C ILE A 56 -14.49 -33.31 0.22
N ASP A 57 -13.82 -33.29 -0.94
CA ASP A 57 -14.26 -34.00 -2.14
C ASP A 57 -14.33 -35.51 -1.92
N GLN A 58 -13.45 -36.04 -1.07
CA GLN A 58 -13.41 -37.47 -0.75
C GLN A 58 -14.51 -37.89 0.21
N LEU A 59 -15.05 -36.95 1.00
CA LEU A 59 -16.12 -37.27 1.95
C LEU A 59 -17.47 -36.78 1.37
N LYS A 60 -17.66 -36.91 0.04
CA LYS A 60 -18.87 -36.45 -0.65
C LYS A 60 -19.68 -37.64 -1.19
N GLN B 4 32.49 27.90 -14.17
CA GLN B 4 31.48 27.78 -15.23
C GLN B 4 31.30 26.32 -15.65
N GLU B 5 32.42 25.60 -15.77
CA GLU B 5 32.45 24.19 -16.16
C GLU B 5 31.96 23.33 -15.00
N ARG B 6 32.33 23.69 -13.75
CA ARG B 6 31.88 22.96 -12.56
C ARG B 6 30.39 23.20 -12.36
N VAL B 7 29.94 24.45 -12.53
CA VAL B 7 28.54 24.82 -12.36
C VAL B 7 27.60 23.98 -13.23
N GLN B 8 27.89 23.88 -14.53
CA GLN B 8 27.04 23.08 -15.41
C GLN B 8 27.08 21.59 -15.05
N ARG B 9 28.24 21.06 -14.63
CA ARG B 9 28.40 19.66 -14.22
C ARG B 9 27.50 19.35 -12.98
N LEU B 10 27.43 20.31 -12.06
CA LEU B 10 26.63 20.21 -10.84
C LEU B 10 25.15 20.36 -11.13
N LYS B 11 24.81 21.21 -12.11
CA LYS B 11 23.44 21.42 -12.58
C LYS B 11 22.95 20.09 -13.18
N GLU B 12 23.77 19.48 -14.06
CA GLU B 12 23.51 18.21 -14.72
C GLU B 12 23.48 16.99 -13.81
N GLU B 13 24.28 16.97 -12.70
CA GLU B 13 24.22 15.80 -11.80
C GLU B 13 23.06 15.88 -10.83
N CYS B 14 22.65 17.10 -10.48
CA CYS B 14 21.47 17.28 -9.65
C CYS B 14 20.23 16.94 -10.51
N GLU B 15 20.19 17.36 -11.80
CA GLU B 15 19.07 17.06 -12.67
C GLU B 15 18.93 15.55 -12.90
N ALA B 16 20.08 14.86 -13.13
CA ALA B 16 20.08 13.42 -13.33
C ALA B 16 19.72 12.65 -12.05
N GLY B 17 20.16 13.14 -10.90
CA GLY B 17 19.83 12.53 -9.63
C GLY B 17 18.35 12.70 -9.27
N SER B 18 17.81 13.89 -9.54
CA SER B 18 16.40 14.19 -9.29
C SER B 18 15.49 13.31 -10.14
N ARG B 19 15.90 13.06 -11.37
CA ARG B 19 15.20 12.22 -12.33
C ARG B 19 15.20 10.78 -11.84
N GLU B 20 16.33 10.32 -11.30
CA GLU B 20 16.44 8.99 -10.76
C GLU B 20 15.60 8.81 -9.48
N LEU B 21 15.49 9.85 -8.67
CA LEU B 21 14.67 9.84 -7.46
C LEU B 21 13.17 9.77 -7.84
N LYS B 22 12.75 10.47 -8.90
CA LYS B 22 11.36 10.42 -9.35
C LYS B 22 11.01 9.00 -9.83
N ARG B 23 11.94 8.37 -10.56
CA ARG B 23 11.84 7.01 -11.09
C ARG B 23 11.78 6.00 -9.93
N CYS B 24 12.58 6.24 -8.86
CA CYS B 24 12.61 5.40 -7.69
C CYS B 24 11.28 5.42 -6.94
N LYS B 25 10.68 6.61 -6.78
CA LYS B 25 9.41 6.73 -6.09
C LYS B 25 8.28 6.05 -6.87
N GLU B 26 8.34 6.05 -8.22
CA GLU B 26 7.35 5.38 -9.05
C GLU B 26 7.47 3.87 -8.86
N GLU B 27 8.70 3.32 -8.74
CA GLU B 27 8.92 1.88 -8.47
C GLU B 27 8.33 1.51 -7.11
N ASN B 28 8.57 2.38 -6.12
CA ASN B 28 8.07 2.20 -4.77
C ASN B 28 6.56 2.16 -4.72
N TYR B 29 5.87 3.05 -5.48
CA TYR B 29 4.42 3.08 -5.58
C TYR B 29 3.91 1.76 -6.16
N ASP B 30 4.56 1.25 -7.22
CA ASP B 30 4.17 -0.03 -7.83
C ASP B 30 4.35 -1.21 -6.87
N LEU B 31 5.45 -1.22 -6.11
CA LEU B 31 5.69 -2.28 -5.14
C LEU B 31 4.64 -2.21 -4.01
N ALA B 32 4.25 -1.00 -3.58
CA ALA B 32 3.21 -0.83 -2.56
C ALA B 32 1.84 -1.33 -3.06
N MET B 33 1.52 -1.08 -4.34
CA MET B 33 0.28 -1.55 -4.91
C MET B 33 0.26 -3.06 -5.02
N ARG B 34 1.39 -3.66 -5.40
CA ARG B 34 1.50 -5.10 -5.48
C ARG B 34 1.44 -5.75 -4.10
N LEU B 35 2.06 -5.13 -3.12
CA LEU B 35 2.02 -5.62 -1.75
C LEU B 35 0.59 -5.56 -1.18
N ALA B 36 -0.17 -4.49 -1.51
CA ALA B 36 -1.55 -4.36 -1.05
C ALA B 36 -2.42 -5.42 -1.74
N HIS B 37 -2.14 -5.73 -3.01
CA HIS B 37 -2.86 -6.74 -3.75
C HIS B 37 -2.67 -8.12 -3.14
N GLN B 38 -1.41 -8.49 -2.86
CA GLN B 38 -1.12 -9.80 -2.28
C GLN B 38 -1.71 -9.94 -0.89
N SER B 39 -1.73 -8.85 -0.10
CA SER B 39 -2.32 -8.89 1.22
C SER B 39 -3.83 -9.11 1.16
N GLU B 40 -4.50 -8.56 0.15
CA GLU B 40 -5.93 -8.73 -0.02
C GLU B 40 -6.24 -10.16 -0.45
N GLU B 41 -5.43 -10.72 -1.36
CA GLU B 41 -5.56 -12.09 -1.84
C GLU B 41 -5.29 -13.08 -0.71
N LYS B 42 -4.34 -12.78 0.18
CA LYS B 42 -4.06 -13.63 1.33
C LYS B 42 -5.25 -13.60 2.29
N GLY B 43 -5.81 -12.42 2.57
CA GLY B 43 -6.98 -12.29 3.44
C GLY B 43 -8.17 -13.03 2.89
N ALA B 44 -8.34 -12.98 1.54
CA ALA B 44 -9.40 -13.66 0.82
C ALA B 44 -9.27 -15.18 0.95
N ALA B 45 -8.05 -15.70 0.98
CA ALA B 45 -7.76 -17.13 1.11
C ALA B 45 -8.01 -17.57 2.53
N LEU B 46 -7.60 -16.76 3.53
CA LEU B 46 -7.84 -17.07 4.95
C LEU B 46 -9.33 -17.09 5.30
N MET B 47 -10.11 -16.23 4.64
CA MET B 47 -11.56 -16.19 4.87
C MET B 47 -12.22 -17.40 4.22
N ARG B 48 -11.76 -17.78 3.01
CA ARG B 48 -12.28 -18.95 2.33
C ARG B 48 -11.94 -20.22 3.16
N ASN B 49 -10.76 -20.25 3.80
CA ASN B 49 -10.31 -21.33 4.66
C ASN B 49 -11.25 -21.56 5.81
N ARG B 50 -11.81 -20.49 6.38
CA ARG B 50 -12.72 -20.57 7.50
C ARG B 50 -13.98 -21.33 7.12
N ASP B 51 -14.56 -21.00 5.95
CA ASP B 51 -15.78 -21.63 5.46
C ASP B 51 -15.53 -23.08 5.01
N LEU B 52 -14.32 -23.38 4.51
CA LEU B 52 -13.95 -24.73 4.11
C LEU B 52 -13.80 -25.64 5.33
N GLN B 53 -13.20 -25.10 6.40
CA GLN B 53 -12.99 -25.78 7.69
C GLN B 53 -14.35 -26.10 8.34
N LEU B 54 -15.35 -25.21 8.16
CA LEU B 54 -16.70 -25.40 8.66
C LEU B 54 -17.32 -26.62 7.99
N GLU B 55 -17.16 -26.73 6.68
CA GLU B 55 -17.68 -27.82 5.87
C GLU B 55 -17.08 -29.16 6.30
N ILE B 56 -15.79 -29.16 6.70
CA ILE B 56 -15.09 -30.35 7.17
C ILE B 56 -15.65 -30.79 8.53
N ASP B 57 -15.89 -29.80 9.42
CA ASP B 57 -16.40 -30.05 10.77
C ASP B 57 -17.78 -30.70 10.76
N GLN B 58 -18.60 -30.40 9.73
CA GLN B 58 -19.94 -30.98 9.58
C GLN B 58 -19.92 -32.42 9.06
N LEU B 59 -18.84 -32.82 8.36
CA LEU B 59 -18.70 -34.18 7.85
C LEU B 59 -17.75 -34.98 8.75
N LYS B 60 -17.82 -34.77 10.07
CA LYS B 60 -16.98 -35.43 11.04
C LYS B 60 -17.78 -36.41 11.93
N GLN C 4 3.98 41.13 -21.22
CA GLN C 4 2.85 41.86 -20.67
C GLN C 4 2.33 41.26 -19.33
N GLU C 5 1.30 41.89 -18.70
CA GLU C 5 0.67 41.42 -17.46
C GLU C 5 0.03 40.03 -17.68
N ARG C 6 -0.55 39.83 -18.86
CA ARG C 6 -1.17 38.57 -19.31
C ARG C 6 -0.14 37.41 -19.47
N VAL C 7 1.14 37.67 -19.20
CA VAL C 7 2.22 36.70 -19.22
C VAL C 7 2.64 36.42 -17.77
N GLN C 8 2.74 37.47 -16.95
CA GLN C 8 3.10 37.30 -15.55
C GLN C 8 1.97 36.61 -14.74
N ARG C 9 0.69 36.78 -15.15
CA ARG C 9 -0.43 36.11 -14.50
C ARG C 9 -0.33 34.60 -14.75
N LEU C 10 0.10 34.19 -15.95
CA LEU C 10 0.24 32.81 -16.37
C LEU C 10 1.46 32.19 -15.73
N LYS C 11 2.56 32.96 -15.64
CA LYS C 11 3.82 32.53 -15.02
C LYS C 11 3.56 32.11 -13.57
N GLU C 12 2.77 32.94 -12.85
CA GLU C 12 2.42 32.70 -11.47
C GLU C 12 1.39 31.60 -11.31
N GLU C 13 0.43 31.50 -12.24
CA GLU C 13 -0.58 30.44 -12.19
C GLU C 13 0.01 29.05 -12.40
N CYS C 14 1.19 28.97 -13.06
CA CYS C 14 1.93 27.76 -13.30
C CYS C 14 2.85 27.43 -12.10
N GLU C 15 3.48 28.46 -11.51
CA GLU C 15 4.32 28.28 -10.33
C GLU C 15 3.49 27.71 -9.16
N ALA C 16 2.28 28.27 -8.92
CA ALA C 16 1.40 27.84 -7.85
C ALA C 16 0.80 26.47 -8.12
N GLY C 17 0.45 26.21 -9.37
CA GLY C 17 -0.08 24.94 -9.77
C GLY C 17 0.92 23.81 -9.61
N SER C 18 2.16 23.99 -10.11
CA SER C 18 3.15 22.93 -9.99
C SER C 18 3.58 22.70 -8.53
N ARG C 19 3.51 23.73 -7.68
CA ARG C 19 3.80 23.64 -6.27
C ARG C 19 2.74 22.71 -5.63
N GLU C 20 1.47 22.92 -5.96
CA GLU C 20 0.38 22.10 -5.46
C GLU C 20 0.44 20.68 -6.04
N LEU C 21 0.89 20.52 -7.29
CA LEU C 21 1.02 19.21 -7.90
C LEU C 21 2.16 18.42 -7.23
N LYS C 22 3.27 19.09 -6.88
CA LYS C 22 4.39 18.43 -6.19
C LYS C 22 3.92 17.88 -4.83
N ARG C 23 3.14 18.71 -4.12
CA ARG C 23 2.57 18.41 -2.81
C ARG C 23 1.57 17.26 -2.94
N CYS C 24 0.78 17.23 -4.01
CA CYS C 24 -0.21 16.19 -4.28
C CYS C 24 0.45 14.85 -4.53
N LYS C 25 1.55 14.82 -5.28
CA LYS C 25 2.26 13.58 -5.55
C LYS C 25 2.88 13.02 -4.27
N GLU C 26 3.35 13.89 -3.36
CA GLU C 26 3.92 13.47 -2.09
C GLU C 26 2.83 12.81 -1.25
N GLU C 27 1.61 13.38 -1.24
CA GLU C 27 0.47 12.81 -0.50
C GLU C 27 0.15 11.43 -1.04
N ASN C 28 0.13 11.31 -2.38
CA ASN C 28 -0.17 10.08 -3.06
C ASN C 28 0.79 8.97 -2.70
N TYR C 29 2.09 9.30 -2.68
CA TYR C 29 3.11 8.32 -2.30
C TYR C 29 2.90 7.85 -0.83
N ASP C 30 2.60 8.78 0.08
CA ASP C 30 2.36 8.48 1.48
C ASP C 30 1.11 7.62 1.66
N LEU C 31 0.04 7.91 0.90
CA LEU C 31 -1.19 7.12 0.98
C LEU C 31 -0.91 5.70 0.49
N ALA C 32 -0.06 5.53 -0.54
CA ALA C 32 0.26 4.20 -1.07
C ALA C 32 1.05 3.39 -0.06
N MET C 33 1.98 4.05 0.66
CA MET C 33 2.78 3.39 1.69
C MET C 33 1.91 2.97 2.87
N ARG C 34 0.97 3.85 3.26
CA ARG C 34 0.04 3.58 4.34
C ARG C 34 -0.93 2.47 3.94
N LEU C 35 -1.39 2.45 2.69
CA LEU C 35 -2.28 1.41 2.20
C LEU C 35 -1.58 0.04 2.21
N ALA C 36 -0.29 -0.02 1.90
CA ALA C 36 0.45 -1.28 1.93
C ALA C 36 0.56 -1.78 3.37
N HIS C 37 0.86 -0.85 4.32
CA HIS C 37 0.97 -1.21 5.72
C HIS C 37 -0.36 -1.70 6.31
N GLN C 38 -1.49 -1.05 5.97
CA GLN C 38 -2.79 -1.46 6.50
C GLN C 38 -3.23 -2.78 5.93
N SER C 39 -2.86 -3.07 4.68
CA SER C 39 -3.19 -4.34 4.06
C SER C 39 -2.43 -5.50 4.75
N GLU C 40 -1.18 -5.25 5.16
CA GLU C 40 -0.38 -6.25 5.88
C GLU C 40 -0.96 -6.48 7.26
N GLU C 41 -1.36 -5.41 7.95
CA GLU C 41 -1.93 -5.52 9.28
C GLU C 41 -3.29 -6.22 9.24
N LYS C 42 -4.09 -5.99 8.19
CA LYS C 42 -5.37 -6.65 8.03
C LYS C 42 -5.12 -8.15 7.83
N GLY C 43 -4.12 -8.49 7.03
CA GLY C 43 -3.78 -9.89 6.76
C GLY C 43 -3.33 -10.60 8.01
N ALA C 44 -2.39 -9.98 8.72
CA ALA C 44 -1.86 -10.42 10.01
C ALA C 44 -3.01 -10.64 11.02
N ALA C 45 -4.00 -9.72 11.05
CA ALA C 45 -5.14 -9.79 11.96
C ALA C 45 -6.06 -10.98 11.67
N LEU C 46 -6.33 -11.26 10.40
CA LEU C 46 -7.17 -12.40 10.02
C LEU C 46 -6.43 -13.73 10.20
N MET C 47 -5.07 -13.70 10.23
CA MET C 47 -4.26 -14.87 10.50
C MET C 47 -4.53 -15.28 11.94
N ARG C 48 -4.47 -14.32 12.87
CA ARG C 48 -4.73 -14.54 14.28
C ARG C 48 -6.16 -14.99 14.53
N ASN C 49 -7.13 -14.40 13.81
CA ASN C 49 -8.55 -14.75 13.89
C ASN C 49 -8.78 -16.21 13.54
N ARG C 50 -8.05 -16.74 12.54
CA ARG C 50 -8.15 -18.14 12.17
C ARG C 50 -7.72 -19.01 13.38
N ASP C 51 -6.54 -18.72 13.95
CA ASP C 51 -6.00 -19.43 15.09
C ASP C 51 -6.90 -19.34 16.36
N LEU C 52 -7.48 -18.17 16.65
CA LEU C 52 -8.38 -18.01 17.79
C LEU C 52 -9.72 -18.70 17.55
N GLN C 53 -10.15 -18.85 16.29
CA GLN C 53 -11.36 -19.61 15.96
C GLN C 53 -11.08 -21.11 16.16
N LEU C 54 -9.88 -21.56 15.81
CA LEU C 54 -9.44 -22.95 15.92
C LEU C 54 -9.23 -23.38 17.37
N GLU C 55 -8.67 -22.48 18.17
CA GLU C 55 -8.45 -22.70 19.59
C GLU C 55 -9.80 -22.75 20.35
N ILE C 56 -10.83 -22.04 19.87
CA ILE C 56 -12.14 -22.08 20.53
C ILE C 56 -12.93 -23.33 20.12
N ASP C 57 -12.65 -23.91 18.94
CA ASP C 57 -13.25 -25.17 18.48
C ASP C 57 -12.71 -26.38 19.29
N GLN C 58 -11.48 -26.28 19.78
CA GLN C 58 -10.89 -27.32 20.62
C GLN C 58 -11.39 -27.29 22.08
N LEU C 59 -11.91 -26.15 22.53
CA LEU C 59 -12.44 -26.02 23.88
C LEU C 59 -13.99 -26.06 23.82
N LYS C 60 -14.55 -26.94 22.96
CA LYS C 60 -15.98 -27.10 22.76
C LYS C 60 -16.46 -28.47 23.25
N GLN D 4 3.56 36.71 -26.81
CA GLN D 4 2.48 36.12 -27.60
C GLN D 4 2.82 34.66 -27.95
N GLU D 5 4.07 34.42 -28.33
CA GLU D 5 4.55 33.08 -28.57
C GLU D 5 4.84 32.46 -27.20
N ARG D 6 5.40 33.26 -26.24
CA ARG D 6 5.67 32.89 -24.85
C ARG D 6 4.36 32.56 -24.15
N VAL D 7 3.28 33.32 -24.45
CA VAL D 7 1.95 33.08 -23.92
C VAL D 7 1.50 31.64 -24.20
N GLN D 8 1.72 31.14 -25.43
CA GLN D 8 1.39 29.75 -25.74
C GLN D 8 2.33 28.75 -25.04
N ARG D 9 3.63 29.04 -24.95
CA ARG D 9 4.57 28.15 -24.24
C ARG D 9 4.28 28.09 -22.69
N LEU D 10 3.43 28.98 -22.18
CA LEU D 10 3.05 29.03 -20.78
C LEU D 10 1.65 28.41 -20.62
N LYS D 11 0.77 28.69 -21.56
CA LYS D 11 -0.60 28.19 -21.59
C LYS D 11 -0.62 26.67 -21.56
N GLU D 12 0.19 26.01 -22.41
CA GLU D 12 0.18 24.57 -22.45
C GLU D 12 1.01 23.95 -21.34
N GLU D 13 1.97 24.65 -20.72
CA GLU D 13 2.66 24.12 -19.55
C GLU D 13 1.62 24.04 -18.38
N CYS D 14 0.78 25.07 -18.26
CA CYS D 14 -0.31 25.16 -17.29
C CYS D 14 -1.36 24.10 -17.63
N GLU D 15 -1.67 23.90 -18.91
CA GLU D 15 -2.62 22.87 -19.33
C GLU D 15 -2.09 21.45 -19.07
N ALA D 16 -0.78 21.22 -19.21
CA ALA D 16 -0.15 19.92 -18.92
C ALA D 16 -0.15 19.67 -17.41
N GLY D 17 0.18 20.69 -16.63
CA GLY D 17 0.20 20.59 -15.20
C GLY D 17 -1.19 20.42 -14.64
N SER D 18 -2.18 21.14 -15.19
CA SER D 18 -3.56 21.04 -14.73
C SER D 18 -4.14 19.66 -14.98
N ARG D 19 -3.78 19.07 -16.12
CA ARG D 19 -4.20 17.73 -16.54
C ARG D 19 -3.67 16.72 -15.52
N GLU D 20 -2.38 16.85 -15.19
CA GLU D 20 -1.71 16.00 -14.24
C GLU D 20 -2.27 16.15 -12.86
N LEU D 21 -2.64 17.37 -12.46
CA LEU D 21 -3.19 17.67 -11.15
C LEU D 21 -4.54 17.05 -10.97
N LYS D 22 -5.38 17.10 -12.00
CA LYS D 22 -6.70 16.50 -11.96
C LYS D 22 -6.59 14.98 -11.76
N ARG D 23 -5.69 14.35 -12.52
CA ARG D 23 -5.39 12.93 -12.50
C ARG D 23 -4.86 12.51 -11.12
N CYS D 24 -4.00 13.33 -10.54
CA CYS D 24 -3.40 13.10 -9.24
C CYS D 24 -4.42 13.13 -8.13
N LYS D 25 -5.36 14.11 -8.16
CA LYS D 25 -6.37 14.21 -7.14
C LYS D 25 -7.36 13.06 -7.18
N GLU D 26 -7.65 12.54 -8.39
CA GLU D 26 -8.54 11.38 -8.54
C GLU D 26 -7.91 10.17 -7.87
N GLU D 27 -6.59 9.97 -8.08
CA GLU D 27 -5.85 8.88 -7.48
C GLU D 27 -5.87 8.98 -5.97
N ASN D 28 -5.66 10.19 -5.44
CA ASN D 28 -5.65 10.50 -4.04
C ASN D 28 -6.98 10.13 -3.39
N TYR D 29 -8.11 10.48 -4.03
CA TYR D 29 -9.43 10.16 -3.50
C TYR D 29 -9.60 8.64 -3.40
N ASP D 30 -9.20 7.92 -4.46
CA ASP D 30 -9.31 6.46 -4.50
C ASP D 30 -8.43 5.78 -3.46
N LEU D 31 -7.21 6.28 -3.28
CA LEU D 31 -6.30 5.74 -2.29
C LEU D 31 -6.84 5.96 -0.88
N ALA D 32 -7.49 7.12 -0.63
CA ALA D 32 -8.03 7.42 0.68
C ALA D 32 -9.19 6.48 1.00
N MET D 33 -10.02 6.18 0.00
CA MET D 33 -11.15 5.29 0.18
C MET D 33 -10.68 3.87 0.45
N ARG D 34 -9.65 3.41 -0.28
CA ARG D 34 -9.09 2.09 -0.09
C ARG D 34 -8.40 1.97 1.26
N LEU D 35 -7.69 3.01 1.68
CA LEU D 35 -7.00 3.05 2.97
C LEU D 35 -8.01 3.00 4.10
N ALA D 36 -9.14 3.70 3.96
CA ALA D 36 -10.19 3.70 4.99
C ALA D 36 -10.83 2.33 5.06
N HIS D 37 -11.04 1.66 3.92
CA HIS D 37 -11.62 0.33 3.92
C HIS D 37 -10.72 -0.70 4.61
N GLN D 38 -9.42 -0.65 4.32
CA GLN D 38 -8.48 -1.59 4.94
C GLN D 38 -8.32 -1.35 6.42
N SER D 39 -8.30 -0.10 6.88
CA SER D 39 -8.22 0.17 8.33
C SER D 39 -9.49 -0.24 9.05
N GLU D 40 -10.67 -0.13 8.41
CA GLU D 40 -11.92 -0.59 9.02
C GLU D 40 -11.86 -2.11 9.17
N GLU D 41 -11.45 -2.84 8.12
CA GLU D 41 -11.35 -4.28 8.14
C GLU D 41 -10.34 -4.72 9.21
N LYS D 42 -9.21 -4.02 9.31
CA LYS D 42 -8.17 -4.33 10.26
C LYS D 42 -8.66 -4.13 11.66
N GLY D 43 -9.26 -2.97 11.96
CA GLY D 43 -9.75 -2.69 13.31
C GLY D 43 -10.89 -3.61 13.76
N ALA D 44 -11.71 -4.02 12.79
CA ALA D 44 -12.81 -4.93 13.06
C ALA D 44 -12.25 -6.31 13.41
N ALA D 45 -11.21 -6.78 12.68
CA ALA D 45 -10.61 -8.09 13.00
C ALA D 45 -9.93 -8.01 14.38
N LEU D 46 -9.14 -6.97 14.65
CA LEU D 46 -8.50 -6.81 15.94
C LEU D 46 -9.48 -6.80 17.10
N MET D 47 -10.66 -6.18 16.91
CA MET D 47 -11.71 -6.09 17.92
C MET D 47 -12.36 -7.46 18.12
N ARG D 48 -12.61 -8.17 17.00
CA ARG D 48 -13.18 -9.51 17.07
C ARG D 48 -12.21 -10.46 17.79
N ASN D 49 -10.91 -10.28 17.58
CA ASN D 49 -9.85 -11.05 18.20
C ASN D 49 -9.81 -10.88 19.71
N ARG D 50 -10.14 -9.67 20.19
CA ARG D 50 -10.15 -9.37 21.63
C ARG D 50 -11.39 -10.02 22.34
N ASP D 51 -12.46 -10.27 21.60
CA ASP D 51 -13.66 -10.94 22.08
C ASP D 51 -13.39 -12.46 22.07
N LEU D 52 -12.76 -12.97 21.00
CA LEU D 52 -12.46 -14.40 20.90
C LEU D 52 -11.44 -14.80 21.94
N GLN D 53 -10.50 -13.92 22.29
CA GLN D 53 -9.52 -14.20 23.33
C GLN D 53 -10.21 -14.24 24.70
N LEU D 54 -11.17 -13.33 24.94
CA LEU D 54 -11.94 -13.29 26.19
C LEU D 54 -12.82 -14.54 26.31
N GLU D 55 -13.41 -14.99 25.19
CA GLU D 55 -14.24 -16.18 25.14
C GLU D 55 -13.41 -17.45 25.43
N ILE D 56 -12.15 -17.48 24.97
CA ILE D 56 -11.23 -18.59 25.19
C ILE D 56 -10.85 -18.65 26.67
N ASP D 57 -10.58 -17.47 27.27
CA ASP D 57 -10.18 -17.37 28.67
C ASP D 57 -11.24 -17.88 29.64
N GLN D 58 -12.53 -17.75 29.27
CA GLN D 58 -13.65 -18.20 30.07
C GLN D 58 -13.85 -19.72 29.99
N LEU D 59 -13.39 -20.36 28.91
CA LEU D 59 -13.52 -21.81 28.76
C LEU D 59 -12.18 -22.48 29.09
N LYS D 60 -11.47 -21.97 30.10
CA LYS D 60 -10.17 -22.49 30.53
C LYS D 60 -10.24 -23.11 31.95
N GLN E 8 6.42 39.55 -3.02
CA GLN E 8 5.09 38.98 -3.28
C GLN E 8 4.87 37.56 -2.71
N ARG E 9 5.83 37.07 -1.89
CA ARG E 9 5.72 35.74 -1.27
C ARG E 9 4.77 35.69 -0.05
N LEU E 10 4.10 36.81 0.28
CA LEU E 10 3.15 36.87 1.39
C LEU E 10 1.75 36.60 0.86
N LYS E 11 1.41 37.16 -0.31
CA LYS E 11 0.15 36.90 -0.97
C LYS E 11 0.14 35.43 -1.47
N GLU E 12 1.31 34.92 -1.96
CA GLU E 12 1.48 33.52 -2.41
C GLU E 12 1.28 32.51 -1.25
N GLU E 13 1.45 32.98 0.00
CA GLU E 13 1.35 32.15 1.18
C GLU E 13 -0.04 32.24 1.80
N CYS E 14 -0.66 33.44 1.79
CA CYS E 14 -2.01 33.65 2.34
C CYS E 14 -3.05 32.98 1.44
N GLU E 15 -2.87 33.06 0.13
CA GLU E 15 -3.76 32.41 -0.83
C GLU E 15 -3.64 30.88 -0.70
N ALA E 16 -2.43 30.36 -0.47
CA ALA E 16 -2.22 28.92 -0.29
C ALA E 16 -2.81 28.41 1.01
N GLY E 17 -2.69 29.20 2.08
CA GLY E 17 -3.26 28.86 3.38
C GLY E 17 -4.77 28.89 3.35
N SER E 18 -5.34 29.90 2.67
CA SER E 18 -6.80 30.03 2.56
C SER E 18 -7.39 28.86 1.76
N ARG E 19 -6.67 28.40 0.74
CA ARG E 19 -7.02 27.29 -0.13
C ARG E 19 -7.03 26.02 0.71
N GLU E 20 -6.02 25.82 1.54
CA GLU E 20 -5.92 24.66 2.41
C GLU E 20 -7.04 24.66 3.48
N LEU E 21 -7.41 25.84 3.98
CA LEU E 21 -8.48 25.96 4.96
C LEU E 21 -9.84 25.61 4.34
N LYS E 22 -10.08 26.06 3.10
CA LYS E 22 -11.33 25.76 2.40
C LYS E 22 -11.47 24.25 2.17
N ARG E 23 -10.35 23.62 1.76
CA ARG E 23 -10.23 22.20 1.50
C ARG E 23 -10.43 21.41 2.78
N CYS E 24 -9.90 21.91 3.91
CA CYS E 24 -10.02 21.29 5.22
C CYS E 24 -11.46 21.27 5.71
N LYS E 25 -12.19 22.38 5.53
CA LYS E 25 -13.59 22.44 5.94
C LYS E 25 -14.46 21.49 5.14
N GLU E 26 -14.14 21.31 3.84
CA GLU E 26 -14.88 20.40 2.96
C GLU E 26 -14.65 18.98 3.44
N GLU E 27 -13.40 18.62 3.83
CA GLU E 27 -13.08 17.28 4.34
C GLU E 27 -13.85 17.02 5.61
N ASN E 28 -13.91 18.00 6.50
CA ASN E 28 -14.62 17.93 7.75
C ASN E 28 -16.09 17.65 7.56
N TYR E 29 -16.74 18.34 6.61
CA TYR E 29 -18.14 18.13 6.28
C TYR E 29 -18.35 16.68 5.80
N ASP E 30 -17.46 16.18 4.92
CA ASP E 30 -17.54 14.82 4.39
C ASP E 30 -17.37 13.77 5.50
N LEU E 31 -16.43 14.01 6.41
CA LEU E 31 -16.20 13.09 7.51
C LEU E 31 -17.42 13.07 8.44
N ALA E 32 -18.11 14.21 8.64
CA ALA E 32 -19.30 14.28 9.49
C ALA E 32 -20.45 13.49 8.87
N MET E 33 -20.59 13.58 7.54
CA MET E 33 -21.63 12.84 6.81
C MET E 33 -21.38 11.34 6.89
N ARG E 34 -20.10 10.95 6.74
CA ARG E 34 -19.70 9.55 6.79
C ARG E 34 -19.86 9.02 8.19
N LEU E 35 -19.57 9.83 9.22
CA LEU E 35 -19.71 9.43 10.62
C LEU E 35 -21.17 9.20 10.96
N ALA E 36 -22.08 10.03 10.44
CA ALA E 36 -23.50 9.85 10.69
C ALA E 36 -24.01 8.57 10.01
N HIS E 37 -23.58 8.32 8.78
CA HIS E 37 -23.97 7.11 8.07
C HIS E 37 -23.43 5.84 8.74
N GLN E 38 -22.17 5.84 9.21
CA GLN E 38 -21.61 4.67 9.88
C GLN E 38 -22.28 4.41 11.21
N SER E 39 -22.71 5.46 11.92
CA SER E 39 -23.42 5.30 13.17
C SER E 39 -24.81 4.65 12.94
N GLU E 40 -25.46 4.99 11.83
CA GLU E 40 -26.75 4.39 11.47
C GLU E 40 -26.58 2.93 11.10
N GLU E 41 -25.55 2.63 10.29
CA GLU E 41 -25.24 1.27 9.87
C GLU E 41 -24.82 0.41 11.06
N LYS E 42 -24.11 0.99 12.04
CA LYS E 42 -23.70 0.26 13.22
C LYS E 42 -24.92 -0.10 14.05
N GLY E 43 -25.86 0.84 14.20
CA GLY E 43 -27.11 0.60 14.91
C GLY E 43 -27.94 -0.49 14.26
N ALA E 44 -28.00 -0.51 12.93
CA ALA E 44 -28.73 -1.54 12.18
C ALA E 44 -28.09 -2.94 12.35
N ALA E 45 -26.75 -3.01 12.43
CA ALA E 45 -26.04 -4.27 12.66
C ALA E 45 -26.28 -4.75 14.09
N LEU E 46 -26.27 -3.85 15.06
CA LEU E 46 -26.54 -4.20 16.46
C LEU E 46 -27.98 -4.66 16.66
N MET E 47 -28.92 -4.12 15.85
CA MET E 47 -30.34 -4.50 15.92
C MET E 47 -30.50 -5.91 15.35
N ARG E 48 -29.82 -6.20 14.22
CA ARG E 48 -29.83 -7.53 13.61
C ARG E 48 -29.27 -8.57 14.59
N ASN E 49 -28.22 -8.19 15.32
CA ASN E 49 -27.52 -8.99 16.34
C ASN E 49 -28.44 -9.34 17.49
N ARG E 50 -29.33 -8.42 17.91
CA ARG E 50 -30.26 -8.67 19.01
C ARG E 50 -31.22 -9.77 18.62
N ASP E 51 -31.75 -9.69 17.39
CA ASP E 51 -32.70 -10.65 16.85
C ASP E 51 -32.06 -12.04 16.74
N LEU E 52 -30.83 -12.09 16.22
CA LEU E 52 -30.13 -13.36 16.08
C LEU E 52 -29.77 -13.97 17.44
N GLN E 53 -29.45 -13.13 18.43
CA GLN E 53 -29.14 -13.59 19.76
C GLN E 53 -30.40 -14.13 20.44
N LEU E 54 -31.55 -13.47 20.22
CA LEU E 54 -32.83 -13.89 20.75
C LEU E 54 -33.26 -15.22 20.13
N GLU E 55 -33.02 -15.40 18.82
CA GLU E 55 -33.32 -16.61 18.09
C GLU E 55 -32.47 -17.80 18.58
N ILE E 56 -31.21 -17.52 18.97
CA ILE E 56 -30.28 -18.51 19.52
C ILE E 56 -30.75 -18.98 20.90
N ASP E 57 -31.18 -18.05 21.79
CA ASP E 57 -31.65 -18.37 23.14
C ASP E 57 -32.91 -19.24 23.16
N GLN E 58 -33.74 -19.13 22.09
CA GLN E 58 -34.95 -19.95 21.95
C GLN E 58 -34.65 -21.39 21.49
N LEU E 59 -33.48 -21.61 20.86
CA LEU E 59 -33.08 -22.94 20.41
C LEU E 59 -32.03 -23.50 21.39
N LYS E 60 -32.26 -23.30 22.71
CA LYS E 60 -31.37 -23.70 23.80
C LYS E 60 -32.02 -24.81 24.66
N ARG F 6 0.88 47.35 5.43
CA ARG F 6 0.78 46.65 4.14
C ARG F 6 1.43 45.29 4.26
N VAL F 7 2.66 45.25 4.73
CA VAL F 7 3.34 43.99 5.01
C VAL F 7 2.70 43.45 6.30
N GLN F 8 2.49 44.33 7.33
CA GLN F 8 1.83 43.97 8.58
C GLN F 8 0.37 43.61 8.40
N ARG F 9 -0.43 44.41 7.66
CA ARG F 9 -1.84 44.05 7.42
C ARG F 9 -1.98 42.65 6.76
N LEU F 10 -1.00 42.25 5.91
CA LEU F 10 -1.01 40.95 5.26
C LEU F 10 -0.60 39.88 6.22
N LYS F 11 0.47 40.11 6.98
CA LYS F 11 0.98 39.20 7.98
C LYS F 11 -0.09 38.94 9.05
N GLU F 12 -0.86 39.96 9.45
CA GLU F 12 -1.94 39.86 10.44
C GLU F 12 -3.00 38.87 9.97
N GLU F 13 -3.42 38.97 8.71
CA GLU F 13 -4.41 38.09 8.14
C GLU F 13 -3.87 36.67 7.97
N CYS F 14 -2.61 36.54 7.59
CA CYS F 14 -2.00 35.24 7.42
C CYS F 14 -1.84 34.55 8.75
N GLU F 15 -1.51 35.29 9.82
CA GLU F 15 -1.42 34.70 11.16
C GLU F 15 -2.81 34.27 11.62
N ALA F 16 -3.84 35.07 11.34
CA ALA F 16 -5.22 34.73 11.69
C ALA F 16 -5.67 33.46 10.94
N GLY F 17 -5.44 33.43 9.62
CA GLY F 17 -5.78 32.31 8.77
C GLY F 17 -5.07 31.05 9.18
N SER F 18 -3.78 31.14 9.53
CA SER F 18 -3.01 29.98 9.97
C SER F 18 -3.58 29.41 11.26
N ARG F 19 -4.02 30.29 12.14
CA ARG F 19 -4.57 29.96 13.44
C ARG F 19 -5.89 29.18 13.23
N GLU F 20 -6.74 29.68 12.32
CA GLU F 20 -7.99 29.03 11.97
C GLU F 20 -7.78 27.68 11.28
N LEU F 21 -6.75 27.56 10.46
CA LEU F 21 -6.41 26.30 9.79
C LEU F 21 -5.93 25.28 10.80
N LYS F 22 -5.17 25.69 11.82
CA LYS F 22 -4.71 24.78 12.86
C LYS F 22 -5.91 24.22 13.65
N ARG F 23 -6.87 25.06 13.93
CA ARG F 23 -8.11 24.73 14.65
C ARG F 23 -8.99 23.77 13.81
N CYS F 24 -9.01 23.99 12.51
CA CYS F 24 -9.73 23.16 11.57
C CYS F 24 -9.11 21.75 11.44
N LYS F 25 -7.76 21.67 11.42
CA LYS F 25 -7.09 20.37 11.35
C LYS F 25 -7.28 19.60 12.65
N GLU F 26 -7.43 20.26 13.81
CA GLU F 26 -7.67 19.58 15.06
C GLU F 26 -9.06 18.94 15.01
N GLU F 27 -10.06 19.63 14.43
CA GLU F 27 -11.40 19.08 14.27
C GLU F 27 -11.37 17.85 13.37
N ASN F 28 -10.62 17.95 12.27
CA ASN F 28 -10.43 16.88 11.30
C ASN F 28 -9.84 15.63 11.95
N TYR F 29 -8.83 15.79 12.81
CA TYR F 29 -8.22 14.68 13.54
C TYR F 29 -9.28 13.96 14.39
N ASP F 30 -10.10 14.74 15.16
CA ASP F 30 -11.18 14.29 16.05
C ASP F 30 -12.26 13.54 15.26
N LEU F 31 -12.61 14.03 14.06
CA LEU F 31 -13.60 13.40 13.19
C LEU F 31 -13.10 12.07 12.59
N ALA F 32 -11.82 12.05 12.19
CA ALA F 32 -11.17 10.87 11.59
C ALA F 32 -11.05 9.74 12.56
N MET F 33 -10.85 10.06 13.85
CA MET F 33 -10.74 9.10 14.92
C MET F 33 -12.10 8.52 15.22
N ARG F 34 -13.15 9.38 15.30
CA ARG F 34 -14.52 8.97 15.58
C ARG F 34 -15.07 8.10 14.47
N LEU F 35 -14.80 8.48 13.23
CA LEU F 35 -15.26 7.72 12.05
C LEU F 35 -14.61 6.36 12.00
N ALA F 36 -13.31 6.29 12.35
CA ALA F 36 -12.59 5.04 12.35
C ALA F 36 -13.13 4.13 13.44
N HIS F 37 -13.42 4.67 14.63
CA HIS F 37 -13.95 3.87 15.72
C HIS F 37 -15.33 3.27 15.39
N GLN F 38 -16.21 4.08 14.79
CA GLN F 38 -17.55 3.59 14.44
C GLN F 38 -17.50 2.53 13.35
N SER F 39 -16.58 2.68 12.41
CA SER F 39 -16.40 1.71 11.34
C SER F 39 -15.86 0.38 11.88
N GLU F 40 -14.99 0.41 12.89
CA GLU F 40 -14.48 -0.78 13.52
C GLU F 40 -15.57 -1.48 14.29
N GLU F 41 -16.39 -0.72 15.03
CA GLU F 41 -17.49 -1.26 15.81
C GLU F 41 -18.52 -1.91 14.89
N LYS F 42 -18.79 -1.28 13.72
CA LYS F 42 -19.74 -1.82 12.76
C LYS F 42 -19.23 -3.13 12.19
N GLY F 43 -17.94 -3.16 11.83
CA GLY F 43 -17.31 -4.35 11.27
C GLY F 43 -17.30 -5.50 12.24
N ALA F 44 -17.04 -5.20 13.52
CA ALA F 44 -17.01 -6.21 14.57
C ALA F 44 -18.40 -6.79 14.79
N ALA F 45 -19.47 -5.96 14.68
CA ALA F 45 -20.87 -6.40 14.81
C ALA F 45 -21.24 -7.28 13.63
N LEU F 46 -20.82 -6.92 12.40
CA LEU F 46 -21.08 -7.73 11.20
C LEU F 46 -20.38 -9.09 11.28
N MET F 47 -19.19 -9.15 11.86
CA MET F 47 -18.44 -10.40 12.02
C MET F 47 -19.11 -11.27 13.12
N ARG F 48 -19.56 -10.65 14.21
CA ARG F 48 -20.28 -11.35 15.25
C ARG F 48 -21.61 -11.91 14.70
N ASN F 49 -22.25 -11.18 13.78
CA ASN F 49 -23.47 -11.58 13.11
C ASN F 49 -23.30 -12.81 12.26
N ARG F 50 -22.14 -12.97 11.64
CA ARG F 50 -21.86 -14.14 10.81
C ARG F 50 -21.79 -15.36 11.71
N ASP F 51 -21.11 -15.25 12.87
CA ASP F 51 -20.97 -16.31 13.84
C ASP F 51 -22.32 -16.71 14.41
N LEU F 52 -23.16 -15.73 14.76
CA LEU F 52 -24.48 -16.01 15.30
C LEU F 52 -25.39 -16.65 14.25
N GLN F 53 -25.23 -16.27 12.98
CA GLN F 53 -26.02 -16.86 11.90
C GLN F 53 -25.58 -18.31 11.69
N LEU F 54 -24.27 -18.58 11.78
CA LEU F 54 -23.72 -19.92 11.64
C LEU F 54 -24.18 -20.81 12.79
N GLU F 55 -24.24 -20.26 14.02
CA GLU F 55 -24.70 -20.95 15.21
C GLU F 55 -26.19 -21.29 15.13
N ILE F 56 -26.99 -20.42 14.48
CA ILE F 56 -28.42 -20.64 14.27
C ILE F 56 -28.62 -21.78 13.26
N ASP F 57 -27.82 -21.78 12.19
CA ASP F 57 -27.90 -22.79 11.14
C ASP F 57 -27.63 -24.21 11.65
N GLN F 58 -26.78 -24.34 12.69
CA GLN F 58 -26.44 -25.61 13.32
C GLN F 58 -27.52 -26.12 14.27
N LEU F 59 -28.41 -25.24 14.75
CA LEU F 59 -29.50 -25.63 15.64
C LEU F 59 -30.81 -25.66 14.84
N VAL G 7 19.85 18.32 -32.43
CA VAL G 7 18.74 18.98 -31.76
C VAL G 7 18.48 18.32 -30.38
N GLN G 8 18.11 19.17 -29.38
CA GLN G 8 17.88 18.80 -27.98
C GLN G 8 16.70 17.84 -27.77
N ARG G 9 15.70 17.85 -28.67
CA ARG G 9 14.55 16.95 -28.53
C ARG G 9 14.94 15.47 -28.49
N LEU G 10 15.91 15.07 -29.34
CA LEU G 10 16.39 13.69 -29.38
C LEU G 10 17.53 13.48 -28.39
N LYS G 11 18.36 14.51 -28.15
CA LYS G 11 19.44 14.42 -27.17
C LYS G 11 18.87 14.10 -25.76
N GLU G 12 17.71 14.70 -25.44
CA GLU G 12 17.03 14.47 -24.17
C GLU G 12 16.48 13.06 -24.10
N GLU G 13 15.79 12.58 -25.14
CA GLU G 13 15.25 11.22 -25.14
C GLU G 13 16.33 10.13 -25.22
N CYS G 14 17.57 10.50 -25.59
CA CYS G 14 18.67 9.53 -25.66
C CYS G 14 19.33 9.37 -24.30
N GLU G 15 19.60 10.48 -23.62
CA GLU G 15 20.21 10.46 -22.29
C GLU G 15 19.26 9.80 -21.29
N ALA G 16 17.96 10.15 -21.35
CA ALA G 16 16.97 9.60 -20.44
C ALA G 16 16.70 8.14 -20.73
N GLY G 17 16.63 7.79 -22.02
CA GLY G 17 16.42 6.42 -22.48
C GLY G 17 17.57 5.48 -22.14
N SER G 18 18.83 6.00 -22.18
CA SER G 18 20.04 5.23 -21.84
C SER G 18 20.15 5.02 -20.35
N ARG G 19 19.74 6.01 -19.57
CA ARG G 19 19.73 5.98 -18.11
C ARG G 19 18.73 4.92 -17.65
N GLU G 20 17.55 4.87 -18.30
CA GLU G 20 16.52 3.90 -17.99
C GLU G 20 16.97 2.47 -18.35
N LEU G 21 17.74 2.31 -19.44
CA LEU G 21 18.26 1.02 -19.85
C LEU G 21 19.31 0.52 -18.84
N LYS G 22 20.17 1.42 -18.34
CA LYS G 22 21.18 1.07 -17.36
C LYS G 22 20.53 0.60 -16.07
N ARG G 23 19.50 1.32 -15.61
CA ARG G 23 18.77 0.96 -14.39
C ARG G 23 18.03 -0.36 -14.61
N CYS G 24 17.45 -0.58 -15.81
CA CYS G 24 16.74 -1.82 -16.12
C CYS G 24 17.66 -3.02 -16.02
N LYS G 25 18.89 -2.91 -16.53
CA LYS G 25 19.84 -4.01 -16.47
C LYS G 25 20.27 -4.29 -15.04
N GLU G 26 20.40 -3.23 -14.20
CA GLU G 26 20.74 -3.36 -12.79
C GLU G 26 19.64 -4.11 -12.06
N GLU G 27 18.35 -3.80 -12.37
CA GLU G 27 17.22 -4.47 -11.77
C GLU G 27 17.24 -5.95 -12.13
N ASN G 28 17.50 -6.24 -13.40
CA ASN G 28 17.57 -7.59 -13.92
C ASN G 28 18.63 -8.41 -13.24
N TYR G 29 19.82 -7.83 -13.02
CA TYR G 29 20.93 -8.48 -12.32
C TYR G 29 20.52 -8.83 -10.91
N ASP G 30 19.86 -7.89 -10.19
CA ASP G 30 19.40 -8.09 -8.81
C ASP G 30 18.33 -9.17 -8.76
N LEU G 31 17.39 -9.18 -9.70
CA LEU G 31 16.35 -10.20 -9.73
C LEU G 31 16.96 -11.59 -9.97
N ALA G 32 18.01 -11.68 -10.81
CA ALA G 32 18.68 -12.96 -11.08
C ALA G 32 19.39 -13.47 -9.83
N MET G 33 20.04 -12.58 -9.09
CA MET G 33 20.74 -12.93 -7.87
C MET G 33 19.76 -13.40 -6.81
N ARG G 34 18.62 -12.70 -6.69
CA ARG G 34 17.58 -13.05 -5.75
C ARG G 34 16.93 -14.36 -6.10
N LEU G 35 16.71 -14.61 -7.40
CA LEU G 35 16.11 -15.85 -7.88
C LEU G 35 17.01 -17.03 -7.58
N ALA G 36 18.32 -16.87 -7.73
CA ALA G 36 19.27 -17.94 -7.41
C ALA G 36 19.27 -18.26 -5.91
N HIS G 37 19.24 -17.21 -5.08
CA HIS G 37 19.22 -17.39 -3.64
C HIS G 37 17.93 -18.04 -3.15
N GLN G 38 16.78 -17.64 -3.72
CA GLN G 38 15.50 -18.22 -3.30
C GLN G 38 15.39 -19.65 -3.75
N SER G 39 15.98 -20.02 -4.89
CA SER G 39 15.98 -21.41 -5.33
C SER G 39 16.77 -22.32 -4.36
N GLU G 40 17.89 -21.80 -3.84
CA GLU G 40 18.69 -22.51 -2.85
C GLU G 40 17.94 -22.65 -1.53
N GLU G 41 17.28 -21.57 -1.09
CA GLU G 41 16.51 -21.58 0.15
C GLU G 41 15.31 -22.50 0.06
N LYS G 42 14.69 -22.58 -1.12
CA LYS G 42 13.56 -23.48 -1.32
C LYS G 42 14.03 -24.93 -1.24
N GLY G 43 15.18 -25.23 -1.86
CA GLY G 43 15.77 -26.55 -1.84
C GLY G 43 16.12 -26.97 -0.42
N ALA G 44 16.65 -26.05 0.37
CA ALA G 44 17.01 -26.31 1.76
C ALA G 44 15.77 -26.61 2.61
N ALA G 45 14.65 -25.94 2.35
CA ALA G 45 13.42 -26.18 3.08
C ALA G 45 12.85 -27.56 2.73
N LEU G 46 12.91 -27.93 1.44
CA LEU G 46 12.45 -29.23 0.97
C LEU G 46 13.32 -30.38 1.53
N MET G 47 14.60 -30.12 1.74
CA MET G 47 15.53 -31.11 2.31
C MET G 47 15.24 -31.27 3.80
N ARG G 48 14.98 -30.16 4.50
CA ARG G 48 14.62 -30.20 5.92
C ARG G 48 13.29 -30.94 6.12
N ASN G 49 12.36 -30.82 5.17
CA ASN G 49 11.06 -31.48 5.14
C ASN G 49 11.23 -33.00 5.08
N ARG G 50 12.24 -33.49 4.33
CA ARG G 50 12.50 -34.93 4.22
C ARG G 50 12.99 -35.49 5.56
N ASP G 51 13.89 -34.76 6.23
CA ASP G 51 14.48 -35.15 7.50
C ASP G 51 13.48 -35.01 8.69
N LEU G 52 12.41 -34.21 8.53
CA LEU G 52 11.33 -34.13 9.51
C LEU G 52 10.29 -35.25 9.22
N GLN G 53 10.11 -35.62 7.95
CA GLN G 53 9.22 -36.71 7.57
C GLN G 53 9.81 -38.03 8.04
N LEU G 54 11.14 -38.20 7.97
CA LEU G 54 11.83 -39.39 8.43
C LEU G 54 11.70 -39.53 9.96
N GLU G 55 11.80 -38.40 10.68
CA GLU G 55 11.66 -38.35 12.14
C GLU G 55 10.23 -38.72 12.56
N ILE G 56 9.22 -38.32 11.76
CA ILE G 56 7.81 -38.62 12.01
C ILE G 56 7.56 -40.13 11.82
N ASP G 57 8.16 -40.71 10.76
CA ASP G 57 8.01 -42.12 10.44
C ASP G 57 8.55 -43.05 11.53
N GLN G 58 9.58 -42.59 12.26
CA GLN G 58 10.17 -43.36 13.35
C GLN G 58 9.34 -43.30 14.64
N LEU G 59 8.48 -42.28 14.79
CA LEU G 59 7.62 -42.16 15.96
C LEU G 59 6.19 -42.61 15.62
N GLN H 8 23.23 11.73 -37.48
CA GLN H 8 22.59 10.41 -37.45
C GLN H 8 23.06 9.56 -36.28
N ARG H 9 24.30 9.77 -35.80
CA ARG H 9 24.90 9.00 -34.71
C ARG H 9 24.10 9.04 -33.40
N LEU H 10 23.25 10.04 -33.22
CA LEU H 10 22.37 10.17 -32.06
C LEU H 10 21.11 9.33 -32.34
N LYS H 11 20.54 9.45 -33.57
CA LYS H 11 19.35 8.69 -33.97
C LYS H 11 19.59 7.18 -33.92
N GLU H 12 20.64 6.68 -34.58
CA GLU H 12 20.96 5.26 -34.60
C GLU H 12 21.45 4.70 -33.24
N GLU H 13 21.64 5.57 -32.24
CA GLU H 13 21.96 5.15 -30.88
C GLU H 13 20.65 5.04 -30.09
N CYS H 14 19.74 6.01 -30.27
CA CYS H 14 18.41 6.05 -29.65
C CYS H 14 17.54 4.90 -30.18
N GLU H 15 17.64 4.64 -31.48
CA GLU H 15 16.95 3.60 -32.21
C GLU H 15 17.34 2.23 -31.68
N ALA H 16 18.63 2.02 -31.41
CA ALA H 16 19.14 0.75 -30.91
C ALA H 16 18.87 0.60 -29.42
N GLY H 17 19.09 1.69 -28.67
CA GLY H 17 18.88 1.74 -27.23
C GLY H 17 17.44 1.47 -26.84
N SER H 18 16.47 2.08 -27.55
CA SER H 18 15.03 1.93 -27.28
C SER H 18 14.51 0.50 -27.44
N ARG H 19 14.96 -0.18 -28.49
CA ARG H 19 14.56 -1.57 -28.71
C ARG H 19 15.19 -2.45 -27.64
N GLU H 20 16.46 -2.18 -27.27
CA GLU H 20 17.10 -2.94 -26.21
C GLU H 20 16.40 -2.73 -24.87
N LEU H 21 15.90 -1.53 -24.60
CA LEU H 21 15.19 -1.21 -23.38
C LEU H 21 13.85 -1.95 -23.32
N LYS H 22 13.14 -2.05 -24.46
CA LYS H 22 11.88 -2.78 -24.51
C LYS H 22 12.13 -4.29 -24.24
N ARG H 23 13.22 -4.82 -24.84
CA ARG H 23 13.71 -6.19 -24.73
C ARG H 23 14.14 -6.53 -23.28
N CYS H 24 14.66 -5.53 -22.55
CA CYS H 24 15.11 -5.61 -21.17
C CYS H 24 13.93 -5.59 -20.17
N LYS H 25 12.91 -4.76 -20.46
CA LYS H 25 11.73 -4.71 -19.60
C LYS H 25 10.93 -6.00 -19.68
N GLU H 26 10.95 -6.69 -20.84
CA GLU H 26 10.27 -7.98 -21.00
C GLU H 26 10.96 -9.03 -20.13
N GLU H 27 12.31 -9.01 -20.06
CA GLU H 27 13.07 -9.92 -19.20
C GLU H 27 12.73 -9.67 -17.73
N ASN H 28 12.65 -8.39 -17.35
CA ASN H 28 12.31 -7.96 -16.01
C ASN H 28 10.96 -8.45 -15.59
N TYR H 29 9.95 -8.38 -16.48
CA TYR H 29 8.61 -8.87 -16.19
C TYR H 29 8.65 -10.37 -15.92
N ASP H 30 9.38 -11.13 -16.75
CA ASP H 30 9.50 -12.58 -16.58
C ASP H 30 10.20 -12.94 -15.27
N LEU H 31 11.28 -12.22 -14.92
CA LEU H 31 12.01 -12.47 -13.67
C LEU H 31 11.14 -12.15 -12.46
N ALA H 32 10.35 -11.10 -12.56
CA ALA H 32 9.46 -10.68 -11.50
C ALA H 32 8.39 -11.71 -11.22
N MET H 33 7.84 -12.35 -12.29
CA MET H 33 6.82 -13.41 -12.22
C MET H 33 7.42 -14.69 -11.65
N ARG H 34 8.66 -15.03 -12.06
CA ARG H 34 9.35 -16.22 -11.57
C ARG H 34 9.66 -16.08 -10.10
N LEU H 35 10.06 -14.87 -9.67
CA LEU H 35 10.38 -14.61 -8.27
C LEU H 35 9.13 -14.77 -7.41
N ALA H 36 7.97 -14.29 -7.90
CA ALA H 36 6.70 -14.43 -7.17
C ALA H 36 6.28 -15.91 -7.07
N HIS H 37 6.46 -16.68 -8.14
CA HIS H 37 6.12 -18.11 -8.13
C HIS H 37 7.01 -18.89 -7.16
N GLN H 38 8.32 -18.60 -7.13
CA GLN H 38 9.23 -19.29 -6.22
C GLN H 38 8.93 -18.94 -4.79
N SER H 39 8.49 -17.70 -4.51
CA SER H 39 8.12 -17.26 -3.16
C SER H 39 6.86 -18.00 -2.67
N GLU H 40 5.91 -18.27 -3.57
CA GLU H 40 4.70 -19.03 -3.26
C GLU H 40 5.04 -20.49 -2.96
N GLU H 41 5.90 -21.09 -3.79
CA GLU H 41 6.35 -22.47 -3.60
C GLU H 41 7.14 -22.62 -2.30
N LYS H 42 7.97 -21.61 -1.98
CA LYS H 42 8.76 -21.62 -0.76
C LYS H 42 7.86 -21.51 0.45
N GLY H 43 6.87 -20.64 0.40
CA GLY H 43 5.92 -20.48 1.48
C GLY H 43 5.13 -21.74 1.76
N ALA H 44 4.74 -22.48 0.69
CA ALA H 44 4.02 -23.73 0.81
C ALA H 44 4.92 -24.84 1.47
N ALA H 45 6.21 -24.84 1.15
CA ALA H 45 7.14 -25.78 1.76
C ALA H 45 7.37 -25.45 3.25
N LEU H 46 7.49 -24.16 3.58
CA LEU H 46 7.64 -23.72 4.97
C LEU H 46 6.40 -24.03 5.79
N MET H 47 5.20 -24.01 5.18
CA MET H 47 3.96 -24.32 5.84
C MET H 47 3.90 -25.82 6.11
N ARG H 48 4.35 -26.66 5.15
CA ARG H 48 4.40 -28.11 5.36
C ARG H 48 5.34 -28.44 6.55
N ASN H 49 6.45 -27.71 6.65
CA ASN H 49 7.44 -27.85 7.70
C ASN H 49 6.90 -27.51 9.10
N ARG H 50 6.03 -26.49 9.18
CA ARG H 50 5.42 -26.06 10.44
C ARG H 50 4.41 -27.12 10.93
N ASP H 51 3.69 -27.81 10.00
CA ASP H 51 2.74 -28.88 10.29
C ASP H 51 3.50 -30.11 10.82
N LEU H 52 4.61 -30.44 10.16
CA LEU H 52 5.43 -31.58 10.58
C LEU H 52 6.08 -31.31 11.93
N GLN H 53 6.44 -30.05 12.22
CA GLN H 53 7.02 -29.69 13.51
C GLN H 53 5.96 -29.78 14.61
N LEU H 54 4.70 -29.39 14.31
CA LEU H 54 3.58 -29.47 15.23
C LEU H 54 3.24 -30.94 15.53
N GLU H 55 3.31 -31.79 14.50
CA GLU H 55 3.05 -33.22 14.62
C GLU H 55 4.13 -33.90 15.47
N ILE H 56 5.38 -33.43 15.37
CA ILE H 56 6.52 -33.95 16.15
C ILE H 56 6.34 -33.57 17.62
N ASP H 57 5.90 -32.33 17.89
CA ASP H 57 5.69 -31.83 19.24
C ASP H 57 4.62 -32.61 20.01
N GLN H 58 3.63 -33.16 19.29
CA GLN H 58 2.58 -33.97 19.91
C GLN H 58 3.06 -35.40 20.24
N LEU H 59 4.09 -35.90 19.54
CA LEU H 59 4.62 -37.24 19.77
C LEU H 59 5.91 -37.17 20.59
C4 A1AG7 I . 23.37 8.22 -6.13
N3 A1AG7 I . 25.62 13.41 -6.68
C2 A1AG7 I . 22.26 4.67 -6.11
N1 A1AG7 I . 26.90 9.52 -8.46
C7 A1AG7 I . 28.27 9.05 -8.60
C6 A1AG7 I . 25.90 8.69 -8.19
O2 A1AG7 I . 26.06 7.49 -7.94
C5 A1AG7 I . 24.51 9.34 -8.16
CL A1AG7 I . 21.28 5.55 -3.23
C A1AG7 I . 22.15 6.54 -4.36
C1 A1AG7 I . 22.51 6.05 -5.61
O A1AG7 I . 22.05 4.46 -7.31
O1 A1AG7 I . 22.31 3.73 -5.21
C3 A1AG7 I . 23.14 6.90 -6.53
N A1AG7 I . 23.95 9.31 -6.78
C8 A1AG7 I . 23.52 8.78 -9.18
C9 A1AG7 I . 24.19 8.47 -10.54
C10 A1AG7 I . 23.50 9.15 -11.72
C11 A1AG7 I . 22.00 8.89 -11.73
C12 A1AG7 I . 21.33 9.30 -10.40
C13 A1AG7 I . 22.33 9.75 -9.34
C32 A1AG7 I . 22.42 7.84 -3.97
C31 A1AG7 I . 23.04 8.69 -4.87
N4 A1AG7 I . 23.41 10.02 -4.72
C14 A1AG7 I . 23.94 10.34 -5.89
C15 A1AG7 I . 24.32 11.72 -6.21
C16 A1AG7 I . 23.56 12.88 -6.55
C17 A1AG7 I . 22.10 13.12 -6.51
C18 A1AG7 I . 21.59 14.39 -6.71
C19 A1AG7 I . 20.23 14.62 -6.60
C20 A1AG7 I . 19.37 13.58 -6.31
C21 A1AG7 I . 19.87 12.31 -6.11
C22 A1AG7 I . 21.23 12.07 -6.21
N2 A1AG7 I . 24.37 13.89 -6.86
C30 A1AG7 I . 25.64 12.11 -6.31
C23 A1AG7 I . 26.76 14.33 -6.77
C24 A1AG7 I . 26.95 15.14 -5.51
C25 A1AG7 I . 26.43 14.70 -4.30
C26 A1AG7 I . 26.66 15.42 -3.14
C27 A1AG7 I . 27.40 16.58 -3.17
C28 A1AG7 I . 27.91 17.03 -4.37
C29 A1AG7 I . 27.68 16.32 -5.53
C4 A1AG7 J . -6.55 23.34 -10.57
N3 A1AG7 J . -4.31 26.87 -14.42
C2 A1AG7 J . -8.45 21.50 -7.95
N1 A1AG7 J . -7.09 27.74 -11.18
C7 A1AG7 J . -8.19 28.67 -11.27
C6 A1AG7 J . -7.18 26.59 -10.53
O2 A1AG7 J . -8.23 26.15 -10.08
C5 A1AG7 J . -5.86 25.82 -10.36
CL A1AG7 J . -7.98 19.15 -9.93
C A1AG7 J . -7.40 20.77 -10.17
C1 A1AG7 J . -7.64 21.74 -9.19
O A1AG7 J . -8.07 21.88 -6.85
O1 A1AG7 J . -9.59 20.88 -8.15
C3 A1AG7 J . -7.20 23.05 -9.37
N A1AG7 J . -5.95 24.51 -11.06
C8 A1AG7 J . -5.45 25.68 -8.87
C9 A1AG7 J . -5.60 26.97 -8.04
C10 A1AG7 J . -4.29 27.57 -7.51
C11 A1AG7 J . -3.40 26.52 -6.92
C12 A1AG7 J . -2.98 25.55 -8.00
C13 A1AG7 J . -4.17 24.83 -8.62
C32 A1AG7 J . -6.75 21.07 -11.35
C31 A1AG7 J . -6.34 22.39 -11.56
N4 A1AG7 J . -5.69 22.96 -12.65
C14 A1AG7 J . -5.48 24.22 -12.30
C15 A1AG7 J . -4.73 25.15 -13.15
C16 A1AG7 J . -3.34 25.28 -13.42
C17 A1AG7 J . -2.21 24.41 -13.02
C18 A1AG7 J . -0.93 24.62 -13.50
C19 A1AG7 J . 0.07 23.72 -13.23
C20 A1AG7 J . -0.17 22.62 -12.46
C21 A1AG7 J . -1.42 22.40 -11.92
C22 A1AG7 J . -2.44 23.29 -12.20
N2 A1AG7 J . -3.08 26.35 -14.18
C30 A1AG7 J . -5.30 26.21 -13.81
C23 A1AG7 J . -4.42 28.01 -15.33
C24 A1AG7 J . -4.40 27.56 -16.78
C25 A1AG7 J . -4.80 26.28 -17.13
C26 A1AG7 J . -4.83 25.89 -18.47
C27 A1AG7 J . -4.45 26.79 -19.47
C28 A1AG7 J . -4.03 28.06 -19.12
C29 A1AG7 J . -4.00 28.44 -17.78
#